data_6JQ2
#
_entry.id   6JQ2
#
_cell.length_a   107.240
_cell.length_b   69.420
_cell.length_c   70.440
_cell.angle_alpha   90.00
_cell.angle_beta   103.79
_cell.angle_gamma   90.00
#
_symmetry.space_group_name_H-M   'C 1 2 1'
#
loop_
_entity.id
_entity.type
_entity.pdbx_description
1 polymer 'H-2 class I histocompatibility antigen, K-B alpha chain'
2 polymer 'DPATG1 antigen SIIVFNLV'
3 polymer Beta-2-microglobulin
4 water water
#
loop_
_entity_poly.entity_id
_entity_poly.type
_entity_poly.pdbx_seq_one_letter_code
_entity_poly.pdbx_strand_id
1 'polypeptide(L)'
;GPHSLRYFVTAVSRPGLGEPRYMEVGYVDDTEFVRFDSDAENPRYEPRARWMEQEGPEYWERETQKAKGNEQSFRVDLRT
LLGYYNQSKGGSHTIQVISGCEVGSDGRLLRGYQQYAYDGCDYIALNEDLKTWTAADMAALITKHKWEQAGEAERLRAYL
EGTCVEWLRRYLKNGNATLLRTDSPKAHVTHHSRPEDKVTLRCWALGFYPADITLTWQLNGEELIQDMELVETRPAGDGT
FQKWASVVVPLGKEQYYTCHVYHQGLPEPLTLRW
;
A
2 'polypeptide(L)' SIIVFNLV P
3 'polypeptide(L)'
;IQKTPQIQVYSRHPPENGKPNILNCYVTQFHPPHIEIQMLKNGKKIPKVEMSDMSFSKDWSFYILAHTEFTPTETDTYAC
RVKHASMAEPKTVYWDRDM
;
B
#
# COMPACT_ATOMS: atom_id res chain seq x y z
N GLY A 1 -2.75 19.86 -10.17
CA GLY A 1 -3.70 18.78 -10.07
C GLY A 1 -4.33 18.69 -8.71
N PRO A 2 -5.00 17.58 -8.40
CA PRO A 2 -5.46 17.36 -7.02
C PRO A 2 -4.33 16.85 -6.15
N HIS A 3 -4.54 16.93 -4.84
CA HIS A 3 -3.57 16.42 -3.88
C HIS A 3 -4.31 15.84 -2.69
N SER A 4 -3.63 14.95 -1.97
CA SER A 4 -4.31 14.33 -0.86
C SER A 4 -3.35 14.21 0.31
N LEU A 5 -3.94 14.20 1.49
CA LEU A 5 -3.25 13.92 2.74
C LEU A 5 -4.10 12.88 3.45
N ARG A 6 -3.56 11.68 3.64
CA ARG A 6 -4.36 10.60 4.19
C ARG A 6 -3.54 9.78 5.16
N TYR A 7 -4.17 9.41 6.28
CA TYR A 7 -3.52 8.66 7.33
C TYR A 7 -4.18 7.29 7.44
N PHE A 8 -3.36 6.25 7.46
CA PHE A 8 -3.78 4.86 7.49
C PHE A 8 -3.38 4.31 8.85
N VAL A 9 -4.37 4.01 9.69
CA VAL A 9 -4.12 3.65 11.07
C VAL A 9 -4.39 2.17 11.24
N THR A 10 -3.57 1.49 12.03
CA THR A 10 -3.81 0.08 12.33
C THR A 10 -3.65 -0.17 13.82
N ALA A 11 -4.62 -0.84 14.42
CA ALA A 11 -4.47 -1.37 15.78
C ALA A 11 -4.82 -2.85 15.75
N VAL A 12 -3.86 -3.71 16.14
CA VAL A 12 -4.13 -5.15 16.14
C VAL A 12 -3.81 -5.71 17.52
N SER A 13 -4.79 -6.39 18.11
CA SER A 13 -4.65 -6.95 19.43
C SER A 13 -3.89 -8.27 19.39
N ARG A 14 -3.08 -8.49 20.42
CA ARG A 14 -2.28 -9.71 20.57
C ARG A 14 -2.56 -10.32 21.93
N PRO A 15 -3.71 -10.97 22.10
CA PRO A 15 -4.06 -11.51 23.42
C PRO A 15 -2.93 -12.36 24.01
N GLY A 16 -2.51 -12.01 25.22
CA GLY A 16 -1.46 -12.72 25.90
C GLY A 16 -0.07 -12.28 25.52
N LEU A 17 0.13 -11.81 24.29
CA LEU A 17 1.42 -11.32 23.84
C LEU A 17 1.62 -9.85 24.13
N GLY A 18 0.83 -9.27 25.03
CA GLY A 18 1.02 -7.91 25.47
C GLY A 18 -0.01 -6.94 24.89
N GLU A 19 0.35 -5.66 24.93
CA GLU A 19 -0.55 -4.63 24.45
C GLU A 19 -0.77 -4.76 22.94
N PRO A 20 -1.91 -4.29 22.41
CA PRO A 20 -2.10 -4.34 20.96
C PRO A 20 -1.10 -3.45 20.26
N ARG A 21 -0.78 -3.84 19.01
CA ARG A 21 0.16 -3.07 18.22
C ARG A 21 -0.56 -1.97 17.47
N TYR A 22 0.03 -0.79 17.46
CA TYR A 22 -0.62 0.40 16.94
C TYR A 22 0.31 1.10 15.97
N MET A 23 -0.26 1.58 14.87
CA MET A 23 0.57 2.33 13.94
C MET A 23 -0.26 3.31 13.15
N GLU A 24 0.39 4.41 12.77
CA GLU A 24 -0.17 5.47 11.94
C GLU A 24 0.84 5.67 10.83
N VAL A 25 0.36 5.75 9.60
CA VAL A 25 1.23 5.99 8.46
C VAL A 25 0.60 7.08 7.61
N GLY A 26 1.38 8.07 7.24
CA GLY A 26 0.86 9.24 6.53
C GLY A 26 1.29 9.26 5.07
N TYR A 27 0.35 9.65 4.22
CA TYR A 27 0.57 9.72 2.78
C TYR A 27 0.27 11.12 2.27
N VAL A 28 1.16 11.64 1.43
CA VAL A 28 0.87 12.83 0.63
C VAL A 28 0.89 12.35 -0.82
N ASP A 29 -0.22 12.58 -1.54
CA ASP A 29 -0.36 12.06 -2.90
C ASP A 29 0.07 10.60 -2.98
N ASP A 30 -0.39 9.81 -2.00
CA ASP A 30 -0.13 8.35 -1.90
C ASP A 30 1.36 8.00 -1.80
N THR A 31 2.16 8.86 -1.19
CA THR A 31 3.56 8.56 -0.91
C THR A 31 3.82 8.73 0.59
N GLU A 32 4.33 7.67 1.22
CA GLU A 32 4.53 7.65 2.66
C GLU A 32 5.51 8.73 3.06
N PHE A 33 5.11 9.61 4.00
CA PHE A 33 5.99 10.67 4.47
C PHE A 33 6.20 10.71 5.97
N VAL A 34 5.32 10.13 6.78
CA VAL A 34 5.52 9.98 8.21
C VAL A 34 5.07 8.59 8.60
N ARG A 35 5.60 8.10 9.72
CA ARG A 35 5.20 6.79 10.23
C ARG A 35 5.37 6.73 11.73
N PHE A 36 4.37 6.19 12.41
CA PHE A 36 4.45 5.86 13.83
C PHE A 36 4.16 4.38 13.99
N ASP A 37 4.88 3.74 14.89
CA ASP A 37 4.77 2.29 15.08
C ASP A 37 5.09 1.99 16.53
N SER A 38 4.16 1.36 17.23
CA SER A 38 4.37 1.13 18.65
C SER A 38 5.50 0.14 18.91
N ASP A 39 5.88 -0.65 17.90
CA ASP A 39 6.81 -1.77 18.06
C ASP A 39 8.25 -1.40 17.73
N ALA A 40 8.62 -0.13 17.84
CA ALA A 40 10.00 0.29 17.65
C ALA A 40 10.66 0.50 19.00
N GLU A 41 11.96 0.84 18.97
CA GLU A 41 12.77 1.00 20.17
C GLU A 41 12.14 1.99 21.14
N ASN A 42 12.07 3.25 20.72
CA ASN A 42 11.23 4.26 21.37
C ASN A 42 10.22 4.69 20.31
N PRO A 43 8.97 4.22 20.39
CA PRO A 43 7.98 4.62 19.37
C PRO A 43 7.90 6.13 19.21
N ARG A 44 8.33 6.60 18.04
CA ARG A 44 8.33 8.00 17.66
C ARG A 44 7.68 8.18 16.31
N TYR A 45 7.09 9.34 16.11
CA TYR A 45 6.74 9.74 14.75
C TYR A 45 8.02 10.00 14.00
N GLU A 46 8.14 9.42 12.83
CA GLU A 46 9.36 9.55 12.06
C GLU A 46 9.08 10.13 10.69
N PRO A 47 9.99 10.93 10.17
CA PRO A 47 9.88 11.33 8.77
C PRO A 47 10.21 10.14 7.88
N ARG A 48 9.48 10.02 6.77
CA ARG A 48 9.67 8.94 5.81
C ARG A 48 10.05 9.48 4.44
N ALA A 49 10.30 10.77 4.33
CA ALA A 49 10.87 11.37 3.14
C ALA A 49 11.86 12.43 3.60
N ARG A 50 12.96 12.55 2.87
CA ARG A 50 14.00 13.51 3.27
C ARG A 50 13.42 14.90 3.51
N TRP A 51 12.39 15.30 2.75
CA TRP A 51 11.88 16.66 2.87
C TRP A 51 11.01 16.88 4.11
N MET A 52 10.69 15.84 4.87
CA MET A 52 10.02 15.99 6.15
C MET A 52 10.99 16.36 7.27
N GLU A 53 12.29 16.21 7.04
CA GLU A 53 13.30 16.60 8.03
C GLU A 53 13.43 18.11 8.18
N GLN A 54 12.74 18.90 7.34
CA GLN A 54 12.68 20.34 7.54
C GLN A 54 11.80 20.75 8.71
N GLU A 55 11.02 19.83 9.28
CA GLU A 55 10.27 20.18 10.48
C GLU A 55 11.22 20.14 11.68
N GLY A 56 10.94 20.98 12.65
CA GLY A 56 11.75 21.09 13.84
C GLY A 56 11.26 20.18 14.95
N PRO A 57 11.90 20.27 16.12
CA PRO A 57 11.60 19.29 17.17
C PRO A 57 10.18 19.39 17.71
N GLU A 58 9.57 20.59 17.68
CA GLU A 58 8.21 20.75 18.17
C GLU A 58 7.25 19.83 17.42
N TYR A 59 7.38 19.77 16.09
CA TYR A 59 6.45 18.98 15.28
C TYR A 59 6.44 17.53 15.71
N TRP A 60 7.62 16.89 15.67
CA TRP A 60 7.71 15.49 16.04
C TRP A 60 7.26 15.28 17.47
N GLU A 61 7.53 16.24 18.35
CA GLU A 61 7.12 16.07 19.74
C GLU A 61 5.60 16.10 19.86
N ARG A 62 4.93 16.99 19.13
CA ARG A 62 3.46 17.04 19.17
C ARG A 62 2.84 15.79 18.54
N GLU A 63 3.31 15.39 17.36
CA GLU A 63 2.73 14.24 16.70
C GLU A 63 3.01 12.94 17.45
N THR A 64 4.17 12.85 18.11
CA THR A 64 4.43 11.66 18.91
C THR A 64 3.46 11.57 20.09
N GLN A 65 3.25 12.70 20.78
CA GLN A 65 2.31 12.72 21.91
C GLN A 65 0.89 12.45 21.45
N LYS A 66 0.46 13.12 20.37
CA LYS A 66 -0.87 12.84 19.81
C LYS A 66 -1.04 11.37 19.48
N ALA A 67 0.02 10.73 18.93
CA ALA A 67 -0.11 9.31 18.53
C ALA A 67 -0.28 8.40 19.74
N LYS A 68 0.46 8.67 20.81
CA LYS A 68 0.28 7.89 22.04
C LYS A 68 -1.14 7.99 22.58
N GLY A 69 -1.80 9.16 22.42
CA GLY A 69 -3.18 9.26 22.83
C GLY A 69 -4.10 8.44 21.95
N ASN A 70 -3.98 8.59 20.64
CA ASN A 70 -4.72 7.72 19.72
C ASN A 70 -4.48 6.24 19.99
N GLU A 71 -3.22 5.85 20.24
CA GLU A 71 -2.94 4.45 20.57
C GLU A 71 -3.80 3.99 21.74
N GLN A 72 -3.73 4.73 22.86
CA GLN A 72 -4.45 4.29 24.06
C GLN A 72 -5.94 4.22 23.75
N SER A 73 -6.41 5.14 22.93
CA SER A 73 -7.80 5.17 22.53
C SER A 73 -8.17 3.94 21.68
N PHE A 74 -7.30 3.53 20.76
CA PHE A 74 -7.67 2.35 19.98
C PHE A 74 -7.55 1.05 20.78
N ARG A 75 -6.77 1.02 21.87
CA ARG A 75 -6.84 -0.16 22.75
C ARG A 75 -8.22 -0.31 23.36
N VAL A 76 -8.95 0.79 23.53
CA VAL A 76 -10.28 0.65 24.12
C VAL A 76 -11.28 0.24 23.06
N ASP A 77 -11.17 0.81 21.87
CA ASP A 77 -12.02 0.41 20.76
C ASP A 77 -11.99 -1.09 20.51
N LEU A 78 -10.82 -1.71 20.66
CA LEU A 78 -10.75 -3.15 20.43
C LEU A 78 -11.58 -3.90 21.46
N ARG A 79 -11.46 -3.52 22.74
CA ARG A 79 -12.30 -4.16 23.75
C ARG A 79 -13.77 -3.85 23.50
N THR A 80 -14.07 -2.63 23.04
CA THR A 80 -15.46 -2.24 22.83
C THR A 80 -16.08 -3.04 21.70
N LEU A 81 -15.34 -3.18 20.61
CA LEU A 81 -15.85 -3.90 19.46
C LEU A 81 -16.10 -5.38 19.80
N LEU A 82 -15.18 -6.01 20.52
CA LEU A 82 -15.41 -7.41 20.88
C LEU A 82 -16.72 -7.56 21.65
N GLY A 83 -17.03 -6.59 22.52
CA GLY A 83 -18.29 -6.62 23.23
C GLY A 83 -19.50 -6.39 22.35
N TYR A 84 -19.40 -5.45 21.40
CA TYR A 84 -20.53 -5.17 20.52
C TYR A 84 -20.91 -6.41 19.71
N TYR A 85 -19.92 -7.04 19.11
CA TYR A 85 -20.10 -8.26 18.35
C TYR A 85 -20.19 -9.49 19.24
N ASN A 86 -20.10 -9.34 20.55
CA ASN A 86 -20.21 -10.44 21.50
C ASN A 86 -19.33 -11.61 21.07
N GLN A 87 -18.06 -11.32 20.78
CA GLN A 87 -17.10 -12.32 20.34
C GLN A 87 -16.29 -12.86 21.52
N SER A 88 -15.62 -14.00 21.28
CA SER A 88 -14.73 -14.59 22.27
C SER A 88 -13.53 -13.68 22.52
N LYS A 89 -13.15 -13.55 23.80
CA LYS A 89 -11.99 -12.72 24.16
C LYS A 89 -10.63 -13.43 23.95
N GLY A 90 -10.48 -14.39 23.06
CA GLY A 90 -9.17 -14.99 22.89
C GLY A 90 -8.43 -14.62 21.62
N GLY A 91 -9.16 -14.31 20.56
CA GLY A 91 -8.53 -14.09 19.28
C GLY A 91 -7.94 -12.69 19.10
N SER A 92 -7.09 -12.60 18.07
CA SER A 92 -6.56 -11.34 17.58
C SER A 92 -7.57 -10.67 16.66
N HIS A 93 -7.68 -9.35 16.75
CA HIS A 93 -8.62 -8.59 15.92
C HIS A 93 -7.95 -7.33 15.46
N THR A 94 -8.52 -6.71 14.44
CA THR A 94 -7.90 -5.53 13.84
C THR A 94 -8.90 -4.40 13.73
N ILE A 95 -8.41 -3.19 13.95
CA ILE A 95 -9.12 -2.00 13.52
C ILE A 95 -8.24 -1.25 12.54
N GLN A 96 -8.86 -0.77 11.48
CA GLN A 96 -8.18 0.08 10.51
C GLN A 96 -8.98 1.36 10.30
N VAL A 97 -8.27 2.43 9.98
CA VAL A 97 -8.90 3.71 9.73
C VAL A 97 -8.22 4.34 8.55
N ILE A 98 -9.01 4.95 7.67
CA ILE A 98 -8.49 5.86 6.66
C ILE A 98 -9.07 7.26 6.92
N SER A 99 -8.20 8.24 7.03
CA SER A 99 -8.59 9.56 7.49
C SER A 99 -7.76 10.59 6.75
N GLY A 100 -8.43 11.55 6.13
CA GLY A 100 -7.73 12.60 5.42
C GLY A 100 -8.61 13.22 4.36
N CYS A 101 -7.98 13.95 3.47
CA CYS A 101 -8.70 14.82 2.56
C CYS A 101 -8.07 14.79 1.19
N GLU A 102 -8.86 15.17 0.21
CA GLU A 102 -8.40 15.46 -1.14
C GLU A 102 -8.84 16.87 -1.48
N VAL A 103 -7.93 17.66 -2.04
CA VAL A 103 -8.20 19.05 -2.36
C VAL A 103 -7.96 19.27 -3.85
N GLY A 104 -8.82 20.06 -4.47
CA GLY A 104 -8.61 20.47 -5.84
C GLY A 104 -7.47 21.46 -5.97
N SER A 105 -7.35 22.02 -7.18
CA SER A 105 -6.24 22.92 -7.45
C SER A 105 -6.37 24.24 -6.71
N ASP A 106 -7.58 24.64 -6.32
CA ASP A 106 -7.67 25.87 -5.56
C ASP A 106 -7.28 25.67 -4.10
N GLY A 107 -6.94 24.44 -3.70
CA GLY A 107 -6.57 24.14 -2.34
C GLY A 107 -7.74 23.91 -1.40
N ARG A 108 -8.96 23.91 -1.92
CA ARG A 108 -10.15 23.63 -1.15
C ARG A 108 -10.55 22.15 -1.21
N LEU A 109 -11.26 21.73 -0.18
CA LEU A 109 -11.61 20.34 0.00
C LEU A 109 -12.48 19.84 -1.16
N LEU A 110 -12.11 18.70 -1.72
CA LEU A 110 -12.95 17.98 -2.67
C LEU A 110 -13.64 16.78 -2.04
N ARG A 111 -12.88 15.95 -1.33
CA ARG A 111 -13.45 14.85 -0.58
C ARG A 111 -12.77 14.75 0.78
N GLY A 112 -13.54 14.42 1.81
CA GLY A 112 -12.99 14.01 3.10
C GLY A 112 -13.29 12.55 3.36
N TYR A 113 -12.41 11.90 4.13
CA TYR A 113 -12.54 10.47 4.45
C TYR A 113 -12.42 10.27 5.96
N GLN A 114 -13.30 9.42 6.50
CA GLN A 114 -13.25 8.98 7.89
C GLN A 114 -13.78 7.55 7.92
N GLN A 115 -12.91 6.62 7.51
CA GLN A 115 -13.35 5.24 7.28
C GLN A 115 -12.78 4.34 8.35
N TYR A 116 -13.68 3.65 9.05
CA TYR A 116 -13.34 2.58 9.97
C TYR A 116 -13.65 1.22 9.34
N ALA A 117 -12.78 0.25 9.59
CA ALA A 117 -13.02 -1.15 9.34
C ALA A 117 -12.67 -1.96 10.57
N TYR A 118 -13.50 -2.95 10.85
CA TYR A 118 -13.24 -3.93 11.89
C TYR A 118 -12.98 -5.29 11.23
N ASP A 119 -11.85 -5.93 11.58
CA ASP A 119 -11.47 -7.25 11.07
C ASP A 119 -11.56 -7.28 9.55
N GLY A 120 -10.91 -6.33 8.91
CA GLY A 120 -10.86 -6.26 7.46
C GLY A 120 -12.11 -5.83 6.74
N CYS A 121 -13.20 -5.51 7.45
CA CYS A 121 -14.48 -5.21 6.80
C CYS A 121 -15.05 -3.86 7.25
N ASP A 122 -15.71 -3.18 6.31
CA ASP A 122 -16.31 -1.88 6.56
C ASP A 122 -17.06 -1.88 7.89
N TYR A 123 -16.82 -0.87 8.72
CA TYR A 123 -17.51 -0.78 10.01
C TYR A 123 -18.41 0.43 10.06
N ILE A 124 -17.84 1.65 10.03
CA ILE A 124 -18.60 2.89 9.87
C ILE A 124 -17.75 3.83 9.02
N ALA A 125 -18.42 4.64 8.20
CA ALA A 125 -17.71 5.63 7.42
C ALA A 125 -18.47 6.95 7.45
N LEU A 126 -17.75 8.04 7.26
CA LEU A 126 -18.37 9.35 7.16
C LEU A 126 -18.79 9.59 5.71
N ASN A 127 -20.06 9.86 5.49
CA ASN A 127 -20.54 10.09 4.14
C ASN A 127 -19.92 11.34 3.53
N GLU A 128 -20.16 11.49 2.23
CA GLU A 128 -19.58 12.59 1.47
C GLU A 128 -20.13 13.94 1.90
N ASP A 129 -21.34 13.97 2.44
CA ASP A 129 -21.93 15.21 2.94
C ASP A 129 -21.17 15.79 4.12
N LEU A 130 -20.28 15.01 4.74
CA LEU A 130 -19.56 15.37 5.96
C LEU A 130 -20.51 15.68 7.13
N LYS A 131 -21.77 15.26 7.02
CA LYS A 131 -22.75 15.42 8.09
C LYS A 131 -23.28 14.11 8.66
N THR A 132 -23.35 13.03 7.87
CA THR A 132 -23.99 11.79 8.26
C THR A 132 -23.09 10.59 8.05
N TRP A 133 -23.43 9.49 8.73
CA TRP A 133 -22.60 8.30 8.77
C TRP A 133 -23.29 7.10 8.07
N THR A 134 -22.49 6.19 7.52
CA THR A 134 -23.00 4.88 7.10
C THR A 134 -22.44 3.80 8.00
N ALA A 135 -23.32 3.12 8.73
CA ALA A 135 -22.96 1.96 9.53
C ALA A 135 -23.10 0.69 8.70
N ALA A 136 -22.18 -0.26 8.89
CA ALA A 136 -22.22 -1.45 8.05
C ALA A 136 -23.09 -2.56 8.61
N ASP A 137 -23.37 -2.54 9.91
CA ASP A 137 -24.20 -3.55 10.53
C ASP A 137 -24.81 -2.93 11.78
N MET A 138 -25.39 -3.75 12.65
CA MET A 138 -26.06 -3.20 13.81
C MET A 138 -25.09 -2.86 14.94
N ALA A 139 -23.95 -3.55 15.02
CA ALA A 139 -22.92 -3.11 15.95
C ALA A 139 -22.48 -1.69 15.64
N ALA A 140 -22.23 -1.40 14.37
CA ALA A 140 -21.78 -0.07 13.99
C ALA A 140 -22.84 0.99 14.27
N LEU A 141 -24.09 0.58 14.49
CA LEU A 141 -25.14 1.56 14.72
C LEU A 141 -25.06 2.16 16.12
N ILE A 142 -24.58 1.38 17.09
CA ILE A 142 -24.31 1.95 18.41
C ILE A 142 -23.32 3.09 18.30
N THR A 143 -22.28 2.91 17.47
CA THR A 143 -21.29 3.96 17.28
C THR A 143 -21.92 5.16 16.58
N LYS A 144 -22.66 4.90 15.50
CA LYS A 144 -23.37 5.97 14.80
C LYS A 144 -24.23 6.80 15.76
N HIS A 145 -25.09 6.15 16.54
CA HIS A 145 -25.98 6.90 17.40
C HIS A 145 -25.20 7.70 18.43
N LYS A 146 -24.10 7.13 18.94
CA LYS A 146 -23.23 7.85 19.84
C LYS A 146 -22.56 9.04 19.17
N TRP A 147 -22.07 8.86 17.93
CA TRP A 147 -21.35 9.92 17.25
C TRP A 147 -22.29 11.03 16.76
N GLU A 148 -23.54 10.70 16.46
CA GLU A 148 -24.52 11.74 16.20
C GLU A 148 -24.76 12.59 17.45
N GLN A 149 -24.81 11.94 18.61
CA GLN A 149 -25.02 12.65 19.86
C GLN A 149 -23.80 13.44 20.29
N ALA A 150 -22.62 13.08 19.85
CA ALA A 150 -21.43 13.83 20.22
C ALA A 150 -21.12 14.96 19.24
N GLY A 151 -21.86 15.05 18.14
CA GLY A 151 -21.51 16.00 17.10
C GLY A 151 -20.23 15.65 16.37
N GLU A 152 -19.94 14.35 16.23
CA GLU A 152 -18.67 13.93 15.66
C GLU A 152 -18.54 14.36 14.21
N ALA A 153 -19.64 14.34 13.46
CA ALA A 153 -19.54 14.74 12.06
C ALA A 153 -19.09 16.20 11.93
N GLU A 154 -19.67 17.09 12.73
CA GLU A 154 -19.26 18.50 12.76
C GLU A 154 -17.79 18.63 13.14
N ARG A 155 -17.36 17.88 14.14
CA ARG A 155 -15.94 17.91 14.50
C ARG A 155 -15.05 17.45 13.35
N LEU A 156 -15.49 16.42 12.60
CA LEU A 156 -14.67 15.96 11.47
C LEU A 156 -14.69 16.97 10.32
N ARG A 157 -15.87 17.53 10.04
CA ARG A 157 -15.97 18.49 8.94
C ARG A 157 -15.03 19.66 9.15
N ALA A 158 -15.00 20.21 10.37
CA ALA A 158 -14.07 21.28 10.69
C ALA A 158 -12.63 20.82 10.46
N TYR A 159 -12.28 19.63 10.96
CA TYR A 159 -10.92 19.14 10.76
C TYR A 159 -10.60 19.01 9.28
N LEU A 160 -11.48 18.38 8.51
CA LEU A 160 -11.14 18.08 7.12
C LEU A 160 -11.18 19.32 6.24
N GLU A 161 -12.03 20.31 6.55
CA GLU A 161 -12.07 21.55 5.77
C GLU A 161 -11.03 22.57 6.24
N GLY A 162 -10.54 22.46 7.48
CA GLY A 162 -9.55 23.40 7.96
C GLY A 162 -8.18 22.83 8.27
N THR A 163 -8.04 22.16 9.42
CA THR A 163 -6.75 21.60 9.84
C THR A 163 -6.11 20.77 8.73
N CYS A 164 -6.87 19.84 8.15
CA CYS A 164 -6.30 18.85 7.25
C CYS A 164 -5.74 19.50 5.99
N VAL A 165 -6.54 20.32 5.30
CA VAL A 165 -6.05 20.90 4.05
C VAL A 165 -4.94 21.89 4.32
N GLU A 166 -4.97 22.55 5.48
CA GLU A 166 -3.89 23.45 5.85
C GLU A 166 -2.59 22.70 6.04
N TRP A 167 -2.62 21.57 6.74
CA TRP A 167 -1.39 20.78 6.85
C TRP A 167 -0.94 20.27 5.47
N LEU A 168 -1.89 19.84 4.62
CA LEU A 168 -1.51 19.37 3.28
C LEU A 168 -0.77 20.45 2.51
N ARG A 169 -1.31 21.68 2.52
CA ARG A 169 -0.61 22.80 1.90
C ARG A 169 0.77 23.00 2.51
N ARG A 170 0.88 22.91 3.84
CA ARG A 170 2.20 22.96 4.48
C ARG A 170 3.11 21.88 3.91
N TYR A 171 2.60 20.64 3.82
CA TYR A 171 3.45 19.53 3.36
C TYR A 171 3.80 19.67 1.89
N LEU A 172 2.87 20.17 1.07
CA LEU A 172 3.11 20.31 -0.35
C LEU A 172 4.28 21.27 -0.63
N LYS A 173 4.34 22.37 0.13
CA LYS A 173 5.37 23.38 -0.11
C LYS A 173 6.76 22.79 0.06
N ASN A 174 6.92 21.86 0.99
CA ASN A 174 8.25 21.29 1.20
C ASN A 174 8.53 20.12 0.27
N GLY A 175 7.50 19.41 -0.18
CA GLY A 175 7.76 18.13 -0.81
C GLY A 175 7.54 18.17 -2.30
N ASN A 176 6.97 19.27 -2.80
CA ASN A 176 6.55 19.35 -4.19
C ASN A 176 7.71 19.03 -5.14
N ALA A 177 8.89 19.59 -4.88
CA ALA A 177 10.03 19.33 -5.76
C ALA A 177 10.40 17.85 -5.79
N THR A 178 10.05 17.10 -4.75
CA THR A 178 10.32 15.67 -4.72
C THR A 178 9.13 14.85 -5.23
N LEU A 179 7.90 15.27 -4.92
CA LEU A 179 6.74 14.45 -5.25
C LEU A 179 6.39 14.52 -6.73
N LEU A 180 6.80 15.59 -7.42
CA LEU A 180 6.59 15.68 -8.85
C LEU A 180 7.72 15.03 -9.65
N ARG A 181 8.74 14.53 -8.97
CA ARG A 181 9.79 13.76 -9.61
C ARG A 181 9.19 12.62 -10.43
N THR A 182 9.59 12.55 -11.70
CA THR A 182 9.11 11.50 -12.59
C THR A 182 10.30 10.78 -13.22
N ASP A 183 10.27 9.45 -13.16
CA ASP A 183 11.29 8.58 -13.73
C ASP A 183 10.67 7.76 -14.85
N SER A 184 11.17 7.93 -16.07
CA SER A 184 10.63 7.22 -17.22
C SER A 184 11.10 5.75 -17.23
N PRO A 185 10.29 4.84 -17.78
CA PRO A 185 10.66 3.42 -17.74
C PRO A 185 11.79 3.10 -18.70
N LYS A 186 12.37 1.93 -18.47
CA LYS A 186 13.44 1.40 -19.28
C LYS A 186 12.91 0.09 -19.84
N ALA A 187 12.75 0.03 -21.16
CA ALA A 187 12.02 -1.06 -21.76
C ALA A 187 12.96 -1.98 -22.51
N HIS A 188 12.63 -3.28 -22.49
CA HIS A 188 13.30 -4.26 -23.33
C HIS A 188 12.39 -5.47 -23.43
N VAL A 189 12.59 -6.24 -24.50
CA VAL A 189 11.81 -7.44 -24.76
C VAL A 189 12.73 -8.65 -24.60
N THR A 190 12.26 -9.64 -23.88
CA THR A 190 12.96 -10.91 -23.76
C THR A 190 12.20 -11.99 -24.50
N HIS A 191 12.90 -13.11 -24.67
CA HIS A 191 12.50 -14.17 -25.58
C HIS A 191 12.78 -15.52 -24.94
N HIS A 192 11.78 -16.40 -24.92
CA HIS A 192 11.86 -17.64 -24.16
C HIS A 192 11.15 -18.71 -24.99
N SER A 193 11.93 -19.57 -25.66
CA SER A 193 11.35 -20.62 -26.49
C SER A 193 10.71 -21.71 -25.63
N ARG A 194 9.57 -22.20 -26.08
CA ARG A 194 8.81 -23.21 -25.34
C ARG A 194 8.36 -24.30 -26.32
N PRO A 195 8.08 -25.50 -25.80
CA PRO A 195 7.37 -26.49 -26.62
C PRO A 195 5.88 -26.18 -26.66
N GLU A 196 5.25 -26.31 -27.82
CA GLU A 196 5.96 -26.72 -29.02
C GLU A 196 5.71 -25.73 -30.15
N ASP A 197 6.81 -25.17 -30.66
CA ASP A 197 6.81 -24.26 -31.81
C ASP A 197 6.06 -22.96 -31.50
N LYS A 198 6.07 -22.54 -30.25
CA LYS A 198 5.60 -21.22 -29.85
C LYS A 198 6.57 -20.67 -28.80
N VAL A 199 6.52 -19.35 -28.61
CA VAL A 199 7.51 -18.66 -27.77
C VAL A 199 6.85 -17.56 -26.94
N THR A 200 7.41 -17.34 -25.75
CA THR A 200 6.94 -16.31 -24.85
C THR A 200 7.72 -15.01 -25.06
N LEU A 201 7.07 -14.01 -25.64
CA LEU A 201 7.62 -12.65 -25.61
C LEU A 201 7.19 -11.98 -24.31
N ARG A 202 8.15 -11.39 -23.61
CA ARG A 202 7.89 -10.73 -22.33
C ARG A 202 8.44 -9.32 -22.38
N CYS A 203 7.56 -8.33 -22.21
CA CYS A 203 7.89 -6.93 -22.38
C CYS A 203 8.08 -6.31 -21.00
N TRP A 204 9.26 -5.77 -20.75
CA TRP A 204 9.64 -5.31 -19.42
C TRP A 204 9.68 -3.79 -19.37
N ALA A 205 9.27 -3.24 -18.23
CA ALA A 205 9.36 -1.82 -17.95
C ALA A 205 9.93 -1.65 -16.56
N LEU A 206 11.06 -0.96 -16.45
CA LEU A 206 11.88 -0.99 -15.23
C LEU A 206 12.28 0.41 -14.80
N GLY A 207 12.42 0.58 -13.49
CA GLY A 207 12.90 1.84 -12.95
C GLY A 207 12.00 3.03 -13.19
N PHE A 208 10.69 2.82 -13.30
CA PHE A 208 9.81 3.94 -13.59
C PHE A 208 9.14 4.47 -12.32
N TYR A 209 8.75 5.73 -12.38
CA TYR A 209 8.03 6.36 -11.29
C TYR A 209 7.28 7.58 -11.77
N PRO A 210 6.02 7.72 -11.35
CA PRO A 210 5.20 6.87 -10.48
C PRO A 210 4.80 5.51 -11.07
N ALA A 211 4.25 4.64 -10.21
CA ALA A 211 3.92 3.27 -10.60
C ALA A 211 2.83 3.20 -11.66
N ASP A 212 2.07 4.28 -11.84
CA ASP A 212 1.10 4.34 -12.93
C ASP A 212 1.76 4.02 -14.28
N ILE A 213 1.45 2.85 -14.83
CA ILE A 213 2.04 2.36 -16.07
C ILE A 213 0.99 1.55 -16.82
N THR A 214 1.08 1.58 -18.15
CA THR A 214 0.25 0.71 -18.97
C THR A 214 1.11 0.05 -20.05
N LEU A 215 0.99 -1.27 -20.18
CA LEU A 215 1.75 -2.09 -21.13
C LEU A 215 0.81 -2.88 -22.03
N THR A 216 1.05 -2.83 -23.35
CA THR A 216 0.26 -3.59 -24.30
C THR A 216 1.14 -4.34 -25.29
N TRP A 217 0.62 -5.48 -25.76
CA TRP A 217 1.15 -6.23 -26.88
C TRP A 217 0.18 -6.13 -28.05
N GLN A 218 0.72 -6.06 -29.27
CA GLN A 218 -0.13 -5.86 -30.43
C GLN A 218 0.37 -6.65 -31.64
N LEU A 219 -0.60 -7.15 -32.43
CA LEU A 219 -0.36 -7.78 -33.74
C LEU A 219 -0.97 -6.87 -34.81
N ASN A 220 -0.10 -6.23 -35.59
CA ASN A 220 -0.49 -5.40 -36.73
C ASN A 220 -1.61 -4.42 -36.36
N GLY A 221 -1.45 -3.75 -35.23
CA GLY A 221 -2.32 -2.65 -34.86
C GLY A 221 -3.59 -3.02 -34.12
N GLU A 222 -3.56 -4.06 -33.28
CA GLU A 222 -4.72 -4.43 -32.48
C GLU A 222 -4.24 -4.84 -31.10
N GLU A 223 -4.91 -4.32 -30.07
CA GLU A 223 -4.52 -4.63 -28.69
C GLU A 223 -4.93 -6.05 -28.38
N LEU A 224 -3.95 -6.94 -28.21
CA LEU A 224 -4.31 -8.33 -27.91
C LEU A 224 -4.92 -8.43 -26.53
N ILE A 225 -6.10 -7.83 -26.38
CA ILE A 225 -6.94 -7.94 -25.18
C ILE A 225 -7.10 -9.41 -24.82
N GLN A 226 -6.04 -10.01 -24.28
CA GLN A 226 -6.04 -11.39 -23.78
C GLN A 226 -6.07 -12.46 -24.89
N ASP A 227 -5.41 -13.58 -24.62
CA ASP A 227 -4.71 -13.61 -23.34
C ASP A 227 -3.21 -13.65 -23.54
N MET A 228 -2.60 -13.15 -22.48
CA MET A 228 -1.41 -12.33 -22.46
C MET A 228 -1.19 -12.12 -20.97
N GLU A 229 -0.07 -12.57 -20.43
CA GLU A 229 0.09 -12.52 -18.98
C GLU A 229 0.51 -11.12 -18.56
N LEU A 230 -0.09 -10.65 -17.47
CA LEU A 230 0.21 -9.36 -16.89
C LEU A 230 0.63 -9.58 -15.45
N VAL A 231 1.53 -8.73 -14.97
CA VAL A 231 2.07 -8.84 -13.61
C VAL A 231 1.67 -7.58 -12.88
N GLU A 232 1.18 -7.74 -11.65
CA GLU A 232 0.86 -6.58 -10.84
C GLU A 232 2.10 -5.72 -10.71
N THR A 233 1.99 -4.45 -11.10
CA THR A 233 3.08 -3.52 -10.86
C THR A 233 3.61 -3.70 -9.45
N ARG A 234 4.94 -3.75 -9.33
CA ARG A 234 5.66 -4.12 -8.13
C ARG A 234 6.78 -3.11 -7.85
N PRO A 235 7.10 -2.88 -6.59
CA PRO A 235 8.26 -2.04 -6.27
C PRO A 235 9.55 -2.80 -6.53
N ALA A 236 10.53 -2.10 -7.07
CA ALA A 236 11.86 -2.68 -7.12
C ALA A 236 12.55 -2.58 -5.76
N GLY A 237 12.08 -1.69 -4.91
CA GLY A 237 12.60 -1.56 -3.58
C GLY A 237 13.64 -0.47 -3.52
N ASP A 238 13.40 0.64 -4.23
CA ASP A 238 14.34 1.75 -4.28
C ASP A 238 13.68 3.02 -4.81
N GLY A 239 12.35 3.11 -4.69
CA GLY A 239 11.61 4.23 -5.22
C GLY A 239 11.03 4.02 -6.59
N THR A 240 11.57 3.08 -7.38
CA THR A 240 11.06 2.79 -8.71
C THR A 240 10.20 1.54 -8.67
N PHE A 241 9.43 1.33 -9.74
CA PHE A 241 8.55 0.18 -9.85
C PHE A 241 8.88 -0.61 -11.12
N GLN A 242 8.39 -1.85 -11.16
CA GLN A 242 8.57 -2.75 -12.29
C GLN A 242 7.21 -3.23 -12.78
N LYS A 243 7.19 -3.77 -14.01
CA LYS A 243 6.01 -4.45 -14.54
C LYS A 243 6.38 -5.10 -15.85
N TRP A 244 5.81 -6.27 -16.12
CA TRP A 244 5.93 -6.86 -17.45
C TRP A 244 4.61 -7.44 -17.91
N ALA A 245 4.41 -7.38 -19.23
CA ALA A 245 3.33 -8.08 -19.92
C ALA A 245 3.95 -9.01 -20.95
N SER A 246 3.50 -10.26 -20.97
CA SER A 246 4.00 -11.26 -21.88
C SER A 246 2.88 -11.81 -22.75
N VAL A 247 3.23 -12.21 -23.97
CA VAL A 247 2.28 -12.82 -24.90
C VAL A 247 2.94 -14.01 -25.57
N VAL A 248 2.13 -15.03 -25.90
CA VAL A 248 2.61 -16.25 -26.54
C VAL A 248 2.34 -16.17 -28.03
N VAL A 249 3.37 -16.45 -28.83
CA VAL A 249 3.25 -16.23 -30.28
C VAL A 249 3.72 -17.47 -31.03
N PRO A 250 3.28 -17.70 -32.25
CA PRO A 250 3.80 -18.82 -33.03
C PRO A 250 5.28 -18.63 -33.34
N LEU A 251 5.98 -19.76 -33.50
CA LEU A 251 7.39 -19.71 -33.87
C LEU A 251 7.58 -19.04 -35.22
N GLY A 252 8.63 -18.24 -35.31
CA GLY A 252 8.97 -17.53 -36.53
C GLY A 252 8.22 -16.24 -36.76
N LYS A 253 7.12 -15.99 -36.05
CA LYS A 253 6.28 -14.83 -36.31
C LYS A 253 6.52 -13.69 -35.33
N GLU A 254 7.67 -13.66 -34.66
CA GLU A 254 7.87 -12.70 -33.57
C GLU A 254 7.80 -11.26 -34.05
N GLN A 255 8.34 -10.96 -35.23
CA GLN A 255 8.54 -9.57 -35.62
C GLN A 255 7.21 -8.85 -35.90
N TYR A 256 6.15 -9.61 -36.16
CA TYR A 256 4.84 -9.02 -36.40
C TYR A 256 4.22 -8.43 -35.14
N TYR A 257 4.83 -8.67 -33.96
CA TYR A 257 4.32 -8.22 -32.68
C TYR A 257 5.11 -7.02 -32.17
N THR A 258 4.40 -6.10 -31.52
CA THR A 258 5.02 -4.92 -30.95
C THR A 258 4.49 -4.72 -29.54
N CYS A 259 5.37 -4.29 -28.64
CA CYS A 259 4.97 -3.97 -27.28
C CYS A 259 4.92 -2.45 -27.12
N HIS A 260 3.94 -1.99 -26.35
CA HIS A 260 3.72 -0.55 -26.21
C HIS A 260 3.71 -0.18 -24.74
N VAL A 261 4.50 0.83 -24.39
CA VAL A 261 4.68 1.28 -23.01
C VAL A 261 4.12 2.70 -22.88
N TYR A 262 3.19 2.89 -21.96
CA TYR A 262 2.56 4.19 -21.72
C TYR A 262 2.82 4.62 -20.28
N HIS A 263 3.49 5.75 -20.11
CA HIS A 263 3.85 6.28 -18.79
C HIS A 263 4.08 7.78 -18.89
N GLN A 264 3.68 8.52 -17.85
CA GLN A 264 3.75 9.98 -17.91
C GLN A 264 5.17 10.50 -18.08
N GLY A 265 6.18 9.67 -17.81
CA GLY A 265 7.54 10.12 -18.02
C GLY A 265 7.93 10.21 -19.47
N LEU A 266 7.24 9.48 -20.34
CA LEU A 266 7.63 9.37 -21.74
C LEU A 266 6.95 10.45 -22.58
N PRO A 267 7.72 11.32 -23.26
CA PRO A 267 7.12 12.24 -24.24
C PRO A 267 6.24 11.49 -25.24
N GLU A 268 6.82 10.48 -25.88
CA GLU A 268 6.11 9.56 -26.77
C GLU A 268 6.11 8.15 -26.19
N PRO A 269 4.96 7.46 -26.21
CA PRO A 269 4.94 6.05 -25.78
C PRO A 269 6.00 5.24 -26.49
N LEU A 270 6.45 4.17 -25.85
CA LEU A 270 7.48 3.31 -26.44
C LEU A 270 6.83 2.22 -27.26
N THR A 271 7.40 1.97 -28.44
CA THR A 271 7.11 0.78 -29.23
C THR A 271 8.38 -0.04 -29.31
N LEU A 272 8.30 -1.29 -28.86
CA LEU A 272 9.40 -2.23 -28.94
C LEU A 272 8.97 -3.50 -29.65
N ARG A 273 9.96 -4.14 -30.28
CA ARG A 273 9.71 -5.22 -31.22
C ARG A 273 10.89 -6.17 -31.13
N TRP A 274 10.62 -7.46 -31.01
CA TRP A 274 11.70 -8.43 -30.92
C TRP A 274 12.54 -8.44 -32.21
N SER B 1 -0.83 16.31 9.77
CA SER B 1 -1.17 16.13 11.17
C SER B 1 -2.48 15.36 11.27
N ILE B 2 -2.44 14.17 11.86
CA ILE B 2 -3.63 13.35 11.99
C ILE B 2 -4.54 13.89 13.10
N ILE B 3 -5.84 13.69 12.94
CA ILE B 3 -6.81 14.08 13.94
C ILE B 3 -6.69 13.17 15.16
N VAL B 4 -7.01 13.73 16.35
CA VAL B 4 -7.22 12.89 17.53
C VAL B 4 -8.53 12.15 17.34
N PHE B 5 -8.55 10.87 17.68
CA PHE B 5 -9.72 10.04 17.41
C PHE B 5 -10.58 9.94 18.68
N ASN B 6 -11.89 9.79 18.48
CA ASN B 6 -12.88 9.48 19.51
C ASN B 6 -13.07 7.97 19.63
N LEU B 7 -13.87 7.54 20.59
CA LEU B 7 -14.14 6.13 20.79
C LEU B 7 -15.38 5.68 20.01
N VAL B 8 -15.27 4.50 19.38
CA VAL B 8 -16.43 3.83 18.79
C VAL B 8 -17.33 3.36 19.94
N ILE C 1 -12.96 -14.13 5.75
CA ILE C 1 -12.56 -13.00 6.56
C ILE C 1 -11.06 -13.03 6.68
N GLN C 2 -10.45 -14.13 6.23
CA GLN C 2 -9.02 -14.20 5.99
C GLN C 2 -8.77 -14.22 4.48
N LYS C 3 -7.69 -13.60 4.05
CA LYS C 3 -7.41 -13.41 2.63
C LYS C 3 -6.02 -13.94 2.31
N THR C 4 -5.98 -14.83 1.31
CA THR C 4 -4.75 -15.50 0.91
C THR C 4 -3.77 -14.51 0.29
N PRO C 5 -2.53 -14.48 0.75
CA PRO C 5 -1.60 -13.50 0.22
C PRO C 5 -1.19 -13.83 -1.21
N GLN C 6 -1.09 -12.81 -2.03
CA GLN C 6 -0.49 -12.91 -3.34
C GLN C 6 1.00 -12.61 -3.21
N ILE C 7 1.82 -13.38 -3.94
CA ILE C 7 3.27 -13.35 -3.76
C ILE C 7 3.93 -13.06 -5.09
N GLN C 8 4.99 -12.25 -5.05
CA GLN C 8 5.84 -11.99 -6.19
C GLN C 8 7.27 -11.91 -5.69
N VAL C 9 8.13 -12.82 -6.14
CA VAL C 9 9.55 -12.80 -5.77
C VAL C 9 10.33 -12.57 -7.05
N TYR C 10 11.38 -11.75 -6.96
CA TYR C 10 11.87 -11.19 -8.19
C TYR C 10 13.12 -10.37 -7.94
N SER C 11 14.00 -10.38 -8.92
CA SER C 11 15.24 -9.64 -8.85
C SER C 11 14.99 -8.15 -9.10
N ARG C 12 15.75 -7.31 -8.39
CA ARG C 12 15.72 -5.89 -8.67
C ARG C 12 16.46 -5.53 -9.95
N HIS C 13 17.42 -6.35 -10.38
CA HIS C 13 18.07 -6.26 -11.66
C HIS C 13 18.19 -7.66 -12.24
N PRO C 14 18.45 -7.79 -13.53
CA PRO C 14 18.85 -9.15 -13.91
C PRO C 14 20.37 -9.33 -13.91
N ASN C 17 24.29 -13.84 -12.30
CA ASN C 17 25.48 -14.67 -12.15
C ASN C 17 26.69 -13.79 -11.88
N GLY C 18 26.87 -13.41 -10.62
CA GLY C 18 27.90 -12.47 -10.22
C GLY C 18 27.37 -11.08 -9.92
N LYS C 19 26.22 -10.72 -10.45
CA LYS C 19 25.63 -9.40 -10.23
C LYS C 19 25.20 -9.24 -8.77
N PRO C 20 25.83 -8.34 -8.00
CA PRO C 20 25.48 -8.22 -6.56
C PRO C 20 24.12 -7.59 -6.35
N ASN C 21 23.07 -8.42 -6.38
CA ASN C 21 21.70 -7.93 -6.39
C ASN C 21 21.02 -8.11 -5.04
N ILE C 22 19.87 -7.46 -4.91
CA ILE C 22 18.95 -7.62 -3.80
C ILE C 22 17.73 -8.37 -4.31
N LEU C 23 17.15 -9.22 -3.48
CA LEU C 23 15.97 -9.99 -3.87
C LEU C 23 14.77 -9.53 -3.05
N ASN C 24 13.67 -9.24 -3.74
CA ASN C 24 12.49 -8.67 -3.12
C ASN C 24 11.37 -9.69 -3.10
N CYS C 25 10.67 -9.78 -1.97
CA CYS C 25 9.48 -10.61 -1.82
C CYS C 25 8.31 -9.67 -1.55
N TYR C 26 7.39 -9.59 -2.50
CA TYR C 26 6.30 -8.64 -2.47
C TYR C 26 5.01 -9.41 -2.22
N VAL C 27 4.38 -9.14 -1.08
CA VAL C 27 3.23 -9.91 -0.63
C VAL C 27 2.07 -8.94 -0.41
N THR C 28 0.93 -9.23 -1.05
CA THR C 28 -0.21 -8.32 -1.14
C THR C 28 -1.50 -9.05 -0.81
N GLN C 29 -2.55 -8.24 -0.63
CA GLN C 29 -3.93 -8.73 -0.54
C GLN C 29 -4.13 -9.75 0.57
N PHE C 30 -3.44 -9.58 1.70
CA PHE C 30 -3.68 -10.51 2.79
C PHE C 30 -4.31 -9.85 4.04
N HIS C 31 -5.00 -10.71 4.80
CA HIS C 31 -5.56 -10.33 6.11
C HIS C 31 -5.85 -11.57 6.94
N PRO C 32 -5.49 -11.59 8.24
CA PRO C 32 -4.93 -10.59 9.15
C PRO C 32 -3.49 -10.23 8.84
N PRO C 33 -2.96 -9.18 9.47
CA PRO C 33 -1.63 -8.71 9.09
C PRO C 33 -0.49 -9.57 9.61
N HIS C 34 -0.72 -10.43 10.61
CA HIS C 34 0.37 -11.31 11.02
C HIS C 34 0.74 -12.24 9.88
N ILE C 35 2.03 -12.27 9.54
CA ILE C 35 2.53 -13.05 8.43
C ILE C 35 4.00 -13.32 8.66
N GLU C 36 4.47 -14.47 8.20
CA GLU C 36 5.85 -14.92 8.40
C GLU C 36 6.49 -15.10 7.04
N ILE C 37 7.62 -14.44 6.82
CA ILE C 37 8.31 -14.47 5.53
C ILE C 37 9.79 -14.74 5.72
N GLN C 38 10.34 -15.63 4.89
CA GLN C 38 11.75 -15.95 4.93
C GLN C 38 12.16 -16.65 3.63
N MET C 39 13.45 -16.54 3.31
CA MET C 39 14.09 -17.19 2.15
C MET C 39 14.94 -18.40 2.54
N LYS C 48 20.16 -13.73 6.71
CA LYS C 48 19.59 -12.43 7.07
C LYS C 48 18.66 -11.91 5.99
N VAL C 49 17.47 -11.46 6.41
CA VAL C 49 16.45 -10.94 5.52
C VAL C 49 15.84 -9.71 6.18
N GLU C 50 16.01 -8.55 5.54
CA GLU C 50 15.39 -7.31 6.03
C GLU C 50 13.92 -7.27 5.61
N MET C 51 13.09 -6.73 6.49
CA MET C 51 11.64 -6.68 6.31
C MET C 51 11.20 -5.23 6.27
N SER C 52 10.62 -4.80 5.15
CA SER C 52 10.06 -3.46 5.13
C SER C 52 8.92 -3.37 6.15
N ASP C 53 8.45 -2.15 6.36
CA ASP C 53 7.38 -1.90 7.29
C ASP C 53 6.03 -2.07 6.60
N MET C 54 5.07 -2.64 7.33
CA MET C 54 3.81 -3.02 6.73
C MET C 54 2.93 -1.81 6.47
N SER C 55 2.08 -1.93 5.44
CA SER C 55 1.06 -0.95 5.10
C SER C 55 -0.21 -1.72 4.77
N PHE C 56 -1.25 -0.99 4.35
CA PHE C 56 -2.45 -1.61 3.80
C PHE C 56 -3.04 -0.64 2.79
N SER C 57 -4.10 -1.09 2.12
CA SER C 57 -4.61 -0.41 0.95
C SER C 57 -6.11 -0.26 1.10
N LYS C 58 -6.70 0.56 0.23
CA LYS C 58 -8.06 1.03 0.50
C LYS C 58 -9.06 -0.11 0.60
N ASP C 59 -8.77 -1.28 0.04
CA ASP C 59 -9.64 -2.43 0.25
C ASP C 59 -9.41 -3.10 1.60
N TRP C 60 -8.62 -2.46 2.48
CA TRP C 60 -8.28 -2.88 3.85
C TRP C 60 -7.22 -3.98 3.89
N SER C 61 -6.78 -4.51 2.74
CA SER C 61 -5.86 -5.62 2.71
C SER C 61 -4.42 -5.14 2.88
N PHE C 62 -3.61 -5.99 3.52
CA PHE C 62 -2.25 -5.62 3.90
C PHE C 62 -1.23 -6.00 2.81
N TYR C 63 -0.03 -5.43 2.91
CA TYR C 63 1.04 -5.72 1.96
C TYR C 63 2.38 -5.28 2.55
N ILE C 64 3.45 -5.96 2.12
CA ILE C 64 4.81 -5.75 2.62
C ILE C 64 5.83 -6.12 1.55
N LEU C 65 7.08 -5.72 1.79
CA LEU C 65 8.20 -6.14 0.96
C LEU C 65 9.32 -6.68 1.84
N ALA C 66 9.86 -7.83 1.43
CA ALA C 66 10.96 -8.50 2.13
C ALA C 66 12.16 -8.56 1.20
N HIS C 67 13.24 -7.90 1.59
CA HIS C 67 14.42 -7.84 0.74
C HIS C 67 15.66 -8.26 1.51
N THR C 68 16.53 -9.00 0.83
CA THR C 68 17.88 -9.26 1.32
C THR C 68 18.84 -9.40 0.14
N GLU C 69 20.06 -8.95 0.37
CA GLU C 69 21.09 -8.99 -0.67
C GLU C 69 21.40 -10.44 -1.04
N PHE C 70 22.02 -10.60 -2.21
CA PHE C 70 22.40 -11.92 -2.70
C PHE C 70 23.26 -11.73 -3.95
N THR C 71 23.68 -12.85 -4.52
CA THR C 71 24.40 -12.86 -5.79
C THR C 71 24.33 -14.27 -6.37
N PRO C 72 23.64 -14.46 -7.50
CA PRO C 72 23.23 -15.81 -7.90
C PRO C 72 24.16 -16.49 -8.91
N THR C 73 23.79 -17.71 -9.33
CA THR C 73 24.51 -18.44 -10.38
C THR C 73 23.52 -19.15 -11.31
N THR C 75 23.08 -22.85 -10.86
CA THR C 75 22.20 -24.00 -10.67
C THR C 75 21.60 -24.06 -9.26
N ASP C 76 22.10 -23.22 -8.35
CA ASP C 76 21.56 -23.17 -7.01
C ASP C 76 20.18 -22.50 -7.02
N THR C 77 19.27 -23.04 -6.21
CA THR C 77 17.87 -22.64 -6.17
C THR C 77 17.64 -21.54 -5.13
N TYR C 78 16.56 -20.78 -5.32
CA TYR C 78 16.15 -19.72 -4.40
C TYR C 78 14.63 -19.57 -4.43
N ALA C 79 14.06 -19.20 -3.28
CA ALA C 79 12.61 -19.10 -3.10
C ALA C 79 12.30 -18.32 -1.83
N CYS C 80 11.00 -18.17 -1.55
CA CYS C 80 10.50 -17.59 -0.31
C CYS C 80 9.31 -18.40 0.17
N ARG C 81 9.25 -18.66 1.47
CA ARG C 81 8.14 -19.37 2.08
C ARG C 81 7.34 -18.39 2.91
N VAL C 82 6.03 -18.44 2.77
CA VAL C 82 5.13 -17.49 3.40
C VAL C 82 4.15 -18.30 4.22
N LYS C 83 4.26 -18.19 5.55
CA LYS C 83 3.28 -18.74 6.45
C LYS C 83 2.26 -17.66 6.81
N HIS C 84 1.00 -18.06 6.90
CA HIS C 84 -0.12 -17.14 7.05
C HIS C 84 -1.39 -17.96 7.30
N ALA C 85 -2.19 -17.51 8.26
CA ALA C 85 -3.34 -18.29 8.71
C ALA C 85 -4.39 -18.54 7.64
N SER C 86 -4.35 -17.84 6.51
CA SER C 86 -5.31 -18.14 5.44
C SER C 86 -5.01 -19.49 4.80
N MET C 87 -3.74 -19.89 4.80
CA MET C 87 -3.29 -21.12 4.20
C MET C 87 -3.07 -22.14 5.31
N ALA C 88 -3.57 -23.36 5.09
CA ALA C 88 -3.23 -24.46 5.96
C ALA C 88 -1.72 -24.71 5.97
N GLU C 89 -1.09 -24.68 4.79
CA GLU C 89 0.33 -24.95 4.75
C GLU C 89 1.08 -23.77 4.16
N PRO C 90 2.32 -23.51 4.59
CA PRO C 90 3.09 -22.40 4.02
C PRO C 90 3.21 -22.50 2.49
N LYS C 91 3.25 -21.33 1.85
CA LYS C 91 3.36 -21.23 0.41
C LYS C 91 4.80 -20.87 0.03
N THR C 92 5.37 -21.64 -0.91
CA THR C 92 6.74 -21.48 -1.33
C THR C 92 6.76 -21.17 -2.81
N VAL C 93 7.48 -20.11 -3.18
CA VAL C 93 7.42 -19.58 -4.53
C VAL C 93 8.85 -19.42 -5.03
N TYR C 94 9.17 -20.09 -6.12
CA TYR C 94 10.54 -20.13 -6.62
C TYR C 94 10.75 -19.03 -7.65
N TRP C 95 11.95 -18.45 -7.58
CA TRP C 95 12.52 -17.45 -8.48
C TRP C 95 12.42 -17.80 -9.96
N ASP C 96 12.66 -16.83 -10.84
CA ASP C 96 12.61 -17.03 -12.30
C ASP C 96 13.10 -15.78 -13.05
#